data_7QZC
#
_entry.id   7QZC
#
_cell.length_a   94.128
_cell.length_b   94.128
_cell.length_c   33.231
_cell.angle_alpha   90.000
_cell.angle_beta   90.000
_cell.angle_gamma   120.000
#
_symmetry.space_group_name_H-M   'P 31 2 1'
#
loop_
_entity.id
_entity.type
_entity.pdbx_description
1 polymer 'Bromodomain adjacent to zinc finger domain protein 2A'
2 non-polymer (2R)-1-[4-(4-ethanoyl-3-ethyl-5-methyl-1H-pyrrol-2-yl)-1,3-thiazol-2-yl]-N-[2-(1,2-oxazol-5-yl)ethyl]piperazine-2-carboxamide
3 non-polymer 'MAGNESIUM ION'
4 water water
#
_entity_poly.entity_id   1
_entity_poly.type   'polypeptide(L)'
_entity_poly.pdbx_seq_one_letter_code
;SMHSDLTFCEIILMEMESHDAAWPFLEPVNPRLVSGYRRIIKNPMDFSTMRHRLSRGGYTSSEEFAADALLVFDNCQTFN
EDDSEVGKAGHIMRRFFESRWEEFY
;
_entity_poly.pdbx_strand_id   A
#
# COMPACT_ATOMS: atom_id res chain seq x y z
N HIS A 3 -12.15 9.31 -14.45
CA HIS A 3 -11.93 10.60 -13.75
C HIS A 3 -12.63 10.53 -12.40
N SER A 4 -13.81 9.94 -12.35
CA SER A 4 -14.45 9.79 -11.03
C SER A 4 -13.59 8.77 -10.30
N ASP A 5 -13.27 7.68 -11.01
CA ASP A 5 -12.42 6.59 -10.49
C ASP A 5 -11.13 7.19 -9.94
N LEU A 6 -10.46 8.06 -10.70
CA LEU A 6 -9.17 8.58 -10.22
C LEU A 6 -9.31 9.50 -9.01
N THR A 7 -10.31 10.39 -8.96
CA THR A 7 -10.36 11.30 -7.78
C THR A 7 -10.60 10.50 -6.51
N PHE A 8 -11.35 9.43 -6.61
CA PHE A 8 -11.49 8.58 -5.42
C PHE A 8 -10.13 8.02 -4.98
N CYS A 9 -9.29 7.62 -5.93
CA CYS A 9 -7.98 7.09 -5.57
C CYS A 9 -7.12 8.15 -4.89
N GLU A 10 -7.21 9.40 -5.36
CA GLU A 10 -6.50 10.49 -4.72
C GLU A 10 -6.89 10.63 -3.26
N ILE A 11 -8.19 10.55 -2.96
CA ILE A 11 -8.66 10.69 -1.59
C ILE A 11 -8.14 9.55 -0.73
N ILE A 12 -8.33 8.31 -1.18
CA ILE A 12 -7.88 7.15 -0.40
C ILE A 12 -6.38 7.20 -0.19
N LEU A 13 -5.61 7.56 -1.22
CA LEU A 13 -4.17 7.59 -1.06
C LEU A 13 -3.76 8.68 -0.07
N MET A 14 -4.34 9.88 -0.23
CA MET A 14 -4.12 10.94 0.74
C MET A 14 -4.44 10.48 2.16
N GLU A 15 -5.53 9.74 2.33
CA GLU A 15 -5.90 9.33 3.68
C GLU A 15 -4.99 8.22 4.20
N MET A 16 -4.47 7.36 3.31
CA MET A 16 -3.53 6.36 3.79
C MET A 16 -2.18 6.99 4.10
N GLU A 17 -1.72 7.93 3.26
CA GLU A 17 -0.44 8.59 3.49
C GLU A 17 -0.39 9.29 4.86
N SER A 18 -1.51 9.88 5.30
CA SER A 18 -1.53 10.59 6.57
C SER A 18 -2.07 9.75 7.73
N HIS A 19 -2.36 8.48 7.51
CA HIS A 19 -2.80 7.61 8.59
C HIS A 19 -1.65 7.33 9.56
N ASP A 20 -1.98 7.26 10.86
CA ASP A 20 -0.96 6.97 11.88
C ASP A 20 -0.19 5.68 11.58
N ALA A 21 -0.89 4.63 11.15
CA ALA A 21 -0.28 3.33 10.91
C ALA A 21 0.41 3.20 9.55
N ALA A 22 0.60 4.31 8.82
CA ALA A 22 1.20 4.25 7.49
C ALA A 22 2.71 4.17 7.52
N TRP A 23 3.32 4.37 8.69
CA TRP A 23 4.78 4.55 8.74
C TRP A 23 5.58 3.42 8.11
N PRO A 24 5.17 2.14 8.09
CA PRO A 24 5.99 1.14 7.39
C PRO A 24 5.94 1.26 5.88
N PHE A 25 4.93 1.93 5.32
CA PHE A 25 4.64 1.83 3.90
C PHE A 25 4.84 3.13 3.13
N LEU A 26 5.41 4.15 3.78
CA LEU A 26 5.61 5.43 3.11
C LEU A 26 6.73 5.39 2.08
N GLU A 27 7.74 4.55 2.25
CA GLU A 27 8.88 4.44 1.34
C GLU A 27 9.12 2.98 1.00
N PRO A 28 9.77 2.71 -0.16
CA PRO A 28 10.17 1.33 -0.47
C PRO A 28 10.98 0.71 0.65
N VAL A 29 10.79 -0.58 0.87
CA VAL A 29 11.69 -1.31 1.75
C VAL A 29 13.08 -1.33 1.14
N ASN A 30 14.09 -1.07 1.97
CA ASN A 30 15.47 -1.14 1.53
C ASN A 30 15.99 -2.56 1.72
N PRO A 31 16.11 -3.35 0.65
CA PRO A 31 16.60 -4.74 0.80
C PRO A 31 17.97 -4.83 1.45
N ARG A 32 18.80 -3.79 1.35
CA ARG A 32 20.10 -3.81 2.01
C ARG A 32 19.95 -3.85 3.53
N LEU A 33 18.83 -3.36 4.04
CA LEU A 33 18.61 -3.30 5.48
C LEU A 33 17.77 -4.46 6.01
N VAL A 34 17.11 -5.22 5.13
CA VAL A 34 16.17 -6.25 5.54
C VAL A 34 16.64 -7.55 4.90
N SER A 35 17.30 -8.39 5.69
CA SER A 35 17.77 -9.68 5.20
C SER A 35 16.60 -10.54 4.75
N GLY A 36 16.73 -11.11 3.55
CA GLY A 36 15.74 -12.02 3.00
C GLY A 36 14.64 -11.35 2.20
N TYR A 37 14.57 -10.02 2.19
CA TYR A 37 13.40 -9.37 1.59
C TYR A 37 13.39 -9.56 0.09
N ARG A 38 14.53 -9.30 -0.55
CA ARG A 38 14.71 -9.50 -1.98
C ARG A 38 14.34 -10.92 -2.38
N ARG A 39 14.76 -11.91 -1.58
CA ARG A 39 14.51 -13.31 -1.90
C ARG A 39 13.03 -13.66 -1.85
N ILE A 40 12.28 -13.08 -0.92
CA ILE A 40 10.91 -13.50 -0.63
C ILE A 40 9.87 -12.66 -1.37
N ILE A 41 10.07 -11.35 -1.43
CA ILE A 41 9.05 -10.44 -1.96
C ILE A 41 9.38 -10.17 -3.42
N LYS A 42 8.59 -10.77 -4.32
CA LYS A 42 8.90 -10.66 -5.75
C LYS A 42 8.52 -9.31 -6.33
N ASN A 43 7.44 -8.69 -5.87
CA ASN A 43 6.95 -7.44 -6.44
C ASN A 43 6.72 -6.43 -5.34
N PRO A 44 7.78 -5.75 -4.91
CA PRO A 44 7.63 -4.73 -3.86
C PRO A 44 6.66 -3.64 -4.27
N MET A 45 6.06 -3.00 -3.27
CA MET A 45 5.15 -1.89 -3.54
C MET A 45 5.01 -1.08 -2.26
N ASP A 46 4.89 0.23 -2.42
CA ASP A 46 4.68 1.10 -1.26
C ASP A 46 3.90 2.34 -1.68
N PHE A 47 3.53 3.16 -0.67
CA PHE A 47 2.63 4.28 -0.92
C PHE A 47 3.28 5.34 -1.80
N SER A 48 4.60 5.56 -1.67
CA SER A 48 5.24 6.58 -2.49
C SER A 48 5.37 6.14 -3.94
N THR A 49 5.54 4.84 -4.19
CA THR A 49 5.50 4.37 -5.58
C THR A 49 4.11 4.53 -6.17
N MET A 50 3.07 4.27 -5.37
CA MET A 50 1.72 4.52 -5.84
C MET A 50 1.49 6.01 -6.11
N ARG A 51 2.00 6.88 -5.23
CA ARG A 51 1.83 8.32 -5.38
C ARG A 51 2.52 8.82 -6.66
N HIS A 52 3.70 8.27 -6.96
CA HIS A 52 4.42 8.65 -8.17
C HIS A 52 3.68 8.17 -9.41
N ARG A 53 3.22 6.92 -9.41
CA ARG A 53 2.47 6.40 -10.55
C ARG A 53 1.21 7.23 -10.79
N LEU A 54 0.53 7.60 -9.71
CA LEU A 54 -0.67 8.43 -9.85
C LEU A 54 -0.33 9.82 -10.37
N SER A 55 0.83 10.36 -9.96
CA SER A 55 1.21 11.71 -10.36
C SER A 55 1.51 11.79 -11.86
N ARG A 56 2.14 10.77 -12.42
CA ARG A 56 2.46 10.76 -13.85
C ARG A 56 1.32 10.19 -14.69
N GLY A 57 0.19 9.89 -14.08
CA GLY A 57 -0.95 9.35 -14.81
C GLY A 57 -0.82 7.91 -15.23
N GLY A 58 0.02 7.13 -14.54
CA GLY A 58 0.24 5.74 -14.86
C GLY A 58 -0.86 4.77 -14.48
N TYR A 59 -1.92 5.23 -13.83
CA TYR A 59 -3.08 4.37 -13.52
C TYR A 59 -4.17 4.65 -14.55
N THR A 60 -4.58 3.60 -15.27
CA THR A 60 -5.65 3.76 -16.24
C THR A 60 -7.04 3.59 -15.62
N SER A 61 -7.16 2.76 -14.59
CA SER A 61 -8.44 2.51 -13.93
C SER A 61 -8.22 2.39 -12.43
N SER A 62 -9.31 2.50 -11.69
CA SER A 62 -9.21 2.33 -10.24
C SER A 62 -8.82 0.90 -9.86
N GLU A 63 -9.11 -0.09 -10.71
CA GLU A 63 -8.73 -1.47 -10.38
C GLU A 63 -7.22 -1.66 -10.34
N GLU A 64 -6.48 -0.95 -11.18
CA GLU A 64 -5.03 -1.02 -11.12
C GLU A 64 -4.51 -0.40 -9.84
N PHE A 65 -5.11 0.73 -9.42
CA PHE A 65 -4.76 1.34 -8.15
C PHE A 65 -4.97 0.36 -7.00
N ALA A 66 -6.16 -0.25 -6.95
CA ALA A 66 -6.47 -1.19 -5.87
C ALA A 66 -5.56 -2.42 -5.91
N ALA A 67 -5.14 -2.82 -7.10
CA ALA A 67 -4.18 -3.93 -7.20
C ALA A 67 -2.89 -3.60 -6.46
N ASP A 68 -2.38 -2.37 -6.66
CA ASP A 68 -1.16 -1.96 -5.97
C ASP A 68 -1.36 -1.85 -4.47
N ALA A 69 -2.48 -1.28 -4.03
CA ALA A 69 -2.74 -1.18 -2.61
C ALA A 69 -2.71 -2.56 -1.95
N LEU A 70 -3.42 -3.51 -2.56
CA LEU A 70 -3.51 -4.86 -1.99
C LEU A 70 -2.15 -5.55 -1.97
N LEU A 71 -1.32 -5.27 -2.97
CA LEU A 71 0.03 -5.80 -3.02
C LEU A 71 0.83 -5.37 -1.80
N VAL A 72 0.76 -4.09 -1.45
CA VAL A 72 1.41 -3.59 -0.24
C VAL A 72 1.07 -4.49 0.95
N PHE A 73 -0.21 -4.79 1.14
CA PHE A 73 -0.61 -5.52 2.34
C PHE A 73 -0.37 -7.02 2.20
N ASP A 74 -0.44 -7.54 0.98
CA ASP A 74 -0.05 -8.92 0.73
C ASP A 74 1.45 -9.12 1.01
N ASN A 75 2.30 -8.24 0.47
CA ASN A 75 3.73 -8.32 0.78
C ASN A 75 3.96 -8.25 2.27
N CYS A 76 3.23 -7.36 2.95
CA CYS A 76 3.41 -7.16 4.38
C CYS A 76 3.15 -8.44 5.16
N GLN A 77 2.02 -9.12 4.84
CA GLN A 77 1.64 -10.33 5.55
C GLN A 77 2.51 -11.52 5.16
N THR A 78 3.11 -11.48 3.97
CA THR A 78 4.03 -12.54 3.57
C THR A 78 5.33 -12.47 4.36
N PHE A 79 5.85 -11.26 4.57
CA PHE A 79 7.17 -11.16 5.16
C PHE A 79 7.16 -10.99 6.68
N ASN A 80 6.14 -10.36 7.25
CA ASN A 80 6.14 -9.98 8.66
C ASN A 80 5.16 -10.83 9.45
N GLU A 81 5.54 -11.17 10.67
CA GLU A 81 4.64 -11.85 11.59
C GLU A 81 3.43 -10.97 11.88
N ASP A 82 2.27 -11.60 12.04
CA ASP A 82 1.06 -10.86 12.36
C ASP A 82 1.19 -10.09 13.66
N ASP A 83 2.01 -10.57 14.60
CA ASP A 83 2.20 -9.85 15.84
C ASP A 83 3.43 -8.95 15.86
N SER A 84 4.10 -8.81 14.72
CA SER A 84 5.22 -7.89 14.65
C SER A 84 4.71 -6.46 14.60
N GLU A 85 5.62 -5.52 14.84
CA GLU A 85 5.24 -4.12 14.83
C GLU A 85 4.78 -3.69 13.46
N VAL A 86 5.45 -4.16 12.40
CA VAL A 86 5.06 -3.82 11.04
C VAL A 86 3.80 -4.60 10.64
N GLY A 87 3.75 -5.88 10.99
CA GLY A 87 2.55 -6.64 10.69
C GLY A 87 1.31 -6.03 11.33
N LYS A 88 1.43 -5.57 12.57
CA LYS A 88 0.28 -4.98 13.25
C LYS A 88 -0.18 -3.71 12.53
N ALA A 89 0.75 -2.87 12.11
CA ALA A 89 0.37 -1.68 11.37
C ALA A 89 -0.27 -2.03 10.04
N GLY A 90 0.23 -3.08 9.39
CA GLY A 90 -0.29 -3.46 8.09
C GLY A 90 -1.72 -3.98 8.15
N HIS A 91 -2.09 -4.62 9.25
CA HIS A 91 -3.47 -5.04 9.37
C HIS A 91 -4.38 -3.83 9.54
N ILE A 92 -3.95 -2.84 10.32
CA ILE A 92 -4.76 -1.62 10.49
C ILE A 92 -4.91 -0.91 9.15
N MET A 93 -3.84 -0.86 8.37
CA MET A 93 -3.89 -0.14 7.09
C MET A 93 -4.70 -0.90 6.07
N ARG A 94 -4.60 -2.22 6.06
CA ARG A 94 -5.36 -3.04 5.12
C ARG A 94 -6.85 -2.94 5.42
N ARG A 95 -7.24 -3.07 6.69
CA ARG A 95 -8.64 -2.92 7.04
C ARG A 95 -9.15 -1.54 6.68
N PHE A 96 -8.33 -0.51 6.94
CA PHE A 96 -8.70 0.84 6.53
C PHE A 96 -8.95 0.92 5.03
N PHE A 97 -8.02 0.39 4.22
CA PHE A 97 -8.18 0.47 2.77
C PHE A 97 -9.42 -0.25 2.30
N GLU A 98 -9.61 -1.50 2.75
CA GLU A 98 -10.76 -2.28 2.31
C GLU A 98 -12.06 -1.58 2.70
N SER A 99 -12.12 -0.99 3.90
CA SER A 99 -13.36 -0.36 4.33
C SER A 99 -13.60 0.95 3.59
N ARG A 100 -12.55 1.70 3.27
CA ARG A 100 -12.72 2.91 2.47
C ARG A 100 -13.10 2.56 1.04
N TRP A 101 -12.46 1.54 0.46
CA TRP A 101 -12.71 1.18 -0.93
C TRP A 101 -14.17 0.81 -1.17
N GLU A 102 -14.75 0.05 -0.24
CA GLU A 102 -16.12 -0.44 -0.47
C GLU A 102 -17.17 0.64 -0.23
N GLU A 103 -16.91 1.60 0.64
CA GLU A 103 -17.86 2.71 0.77
C GLU A 103 -17.65 3.75 -0.31
N PHE A 104 -16.87 3.43 -1.33
CA PHE A 104 -16.87 4.15 -2.60
C PHE A 104 -17.44 3.32 -3.74
N TYR A 105 -17.27 2.00 -3.70
CA TYR A 105 -17.73 1.10 -4.75
C TYR A 105 -18.60 -0.03 -4.20
#